data_4CGL
#
_entry.id   4CGL
#
_cell.length_a   48.464
_cell.length_b   92.163
_cell.length_c   53.666
_cell.angle_alpha   90.00
_cell.angle_beta   113.69
_cell.angle_gamma   90.00
#
_symmetry.space_group_name_H-M   'P 1 21 1'
#
loop_
_entity.id
_entity.type
_entity.pdbx_description
1 polymer 'GLYCYLPEPTIDE N-TETRADECANOYLTRANSFERASE'
2 non-polymer 'MAGNESIUM ION'
3 non-polymer (3R)-3-azanyl-4-(4-chlorophenyl)-1-[(3S,4R)-3-(4-chlorophenyl)-4-(hydroxymethyl)pyrrolidin-1-yl]butan-1-one
4 non-polymer TETRADECANOYL-COA
5 water water
#
_entity_poly.entity_id   1
_entity_poly.type   'polypeptide(L)'
_entity_poly.pdbx_seq_one_letter_code
;AHAFWSTQPVPQTEDETEKIVFAGPMDEPKTVADIPEEPYPIASTFEWWTPNMEAADDIHAIYELLRDNYVEDDDSMFRF
NYSEEFLQWALCPPNYIPDWHVAVRRKADKKLLAFIAGVPVTLRMGTPKYMKVKAQEKGEGEEAAKYDEPRHICEINFLC
VHKQLREKRLAPILIKEATRRVNRTNVWQAVYTAGVLLPTPYASGQYFHRSLNPEKLVEIRFSGIPAQYQKFQNPMAMLK
RNYQLPSAPKNSGLREMKPSDVPQVRRILMNYLDSFDVGPVFSDAEISHYLLPRDGVVFTYVVENDKKVTDFFSFYRIPS
TVIGNSNYNLLNAAYVHYYAATSIPLHQLILDLLIVAHSRGFDVCNMVEILDNRSFVEQLKFGAGDGHLRYYFYNWAYPK
IKPSQVALVML
;
_entity_poly.pdbx_strand_id   A
#
loop_
_chem_comp.id
_chem_comp.type
_chem_comp.name
_chem_comp.formula
A6K non-polymer (3R)-3-azanyl-4-(4-chlorophenyl)-1-[(3S,4R)-3-(4-chlorophenyl)-4-(hydroxymethyl)pyrrolidin-1-yl]butan-1-one 'C21 H24 Cl2 N2 O2'
MG non-polymer 'MAGNESIUM ION' 'Mg 2'
MYA non-polymer TETRADECANOYL-COA 'C35 H62 N7 O17 P3 S'
#
# COMPACT_ATOMS: atom_id res chain seq x y z
N ALA A 1 -23.32 -6.47 15.69
CA ALA A 1 -22.79 -5.11 15.45
C ALA A 1 -22.28 -4.96 14.00
N HIS A 2 -22.00 -6.09 13.31
CA HIS A 2 -21.58 -6.00 11.89
C HIS A 2 -22.43 -6.87 10.91
N ALA A 3 -23.52 -6.32 10.39
CA ALA A 3 -24.52 -7.08 9.63
C ALA A 3 -23.87 -7.74 8.40
N PHE A 4 -22.81 -7.14 7.89
CA PHE A 4 -22.09 -7.72 6.75
C PHE A 4 -20.89 -8.54 7.16
N TRP A 5 -19.91 -8.01 7.92
CA TRP A 5 -18.73 -8.73 8.29
C TRP A 5 -18.94 -9.97 9.14
N SER A 6 -20.04 -9.98 9.87
CA SER A 6 -20.43 -11.15 10.59
C SER A 6 -20.79 -12.40 9.70
N THR A 7 -21.10 -12.19 8.43
CA THR A 7 -21.53 -13.25 7.51
C THR A 7 -20.33 -13.73 6.64
N GLN A 8 -19.13 -13.23 6.98
CA GLN A 8 -17.91 -13.42 6.12
C GLN A 8 -16.90 -14.29 6.80
N PRO A 9 -16.05 -14.99 5.97
CA PRO A 9 -14.97 -15.89 6.45
C PRO A 9 -13.69 -15.15 6.93
N VAL A 10 -13.86 -14.36 7.98
CA VAL A 10 -12.85 -13.66 8.66
C VAL A 10 -12.95 -13.92 10.15
N PRO A 11 -11.86 -13.83 10.86
CA PRO A 11 -12.01 -13.95 12.32
C PRO A 11 -12.86 -12.82 12.83
N GLN A 12 -13.65 -13.17 13.85
CA GLN A 12 -14.74 -12.25 14.23
C GLN A 12 -14.36 -11.38 15.40
N THR A 13 -13.38 -11.84 16.19
CA THR A 13 -12.91 -11.08 17.31
C THR A 13 -11.42 -11.28 17.53
N GLU A 14 -10.83 -10.39 18.32
CA GLU A 14 -9.45 -10.54 18.78
C GLU A 14 -9.27 -11.86 19.57
N ASP A 15 -10.29 -12.22 20.36
CA ASP A 15 -10.24 -13.45 21.17
C ASP A 15 -10.06 -14.67 20.28
N GLU A 16 -10.83 -14.71 19.21
CA GLU A 16 -10.78 -15.77 18.21
C GLU A 16 -9.42 -15.81 17.53
N THR A 17 -8.98 -14.65 17.06
CA THR A 17 -7.61 -14.39 16.60
C THR A 17 -6.54 -14.93 17.55
N GLU A 18 -6.66 -14.59 18.85
CA GLU A 18 -5.63 -14.91 19.84
C GLU A 18 -5.38 -16.41 19.99
N LYS A 19 -6.35 -17.23 19.58
CA LYS A 19 -6.24 -18.69 19.67
C LYS A 19 -6.01 -19.38 18.27
N ILE A 20 -5.76 -18.56 17.24
CA ILE A 20 -5.26 -19.04 15.95
C ILE A 20 -3.77 -19.30 16.05
N VAL A 21 -3.37 -20.52 15.71
CA VAL A 21 -2.06 -20.98 15.90
C VAL A 21 -1.42 -21.33 14.54
N PHE A 22 -2.20 -21.59 13.51
CA PHE A 22 -1.52 -21.88 12.27
C PHE A 22 -2.22 -21.07 11.13
N ALA A 23 -1.45 -20.81 10.05
CA ALA A 23 -2.03 -20.23 8.90
C ALA A 23 -2.86 -21.25 8.16
N GLY A 24 -3.97 -20.83 7.64
CA GLY A 24 -4.77 -21.62 6.74
C GLY A 24 -6.18 -21.04 6.45
N PRO A 25 -6.97 -21.67 5.60
CA PRO A 25 -8.23 -21.12 5.29
C PRO A 25 -9.22 -21.07 6.46
N MET A 26 -10.16 -20.12 6.42
CA MET A 26 -11.28 -20.09 7.43
C MET A 26 -12.41 -20.99 7.03
N ASP A 27 -12.77 -20.92 5.74
CA ASP A 27 -14.05 -21.37 5.10
C ASP A 27 -13.99 -22.80 4.67
N GLU A 28 -15.19 -23.28 4.28
CA GLU A 28 -15.43 -24.56 3.60
C GLU A 28 -14.59 -24.62 2.32
N PRO A 29 -13.79 -25.69 2.07
CA PRO A 29 -13.31 -25.59 0.66
C PRO A 29 -14.45 -25.66 -0.35
N LYS A 30 -14.39 -24.86 -1.43
CA LYS A 30 -15.39 -24.80 -2.51
C LYS A 30 -14.71 -24.90 -3.84
N THR A 31 -15.49 -25.12 -4.90
CA THR A 31 -14.93 -25.06 -6.26
C THR A 31 -15.51 -23.96 -7.06
N VAL A 32 -14.84 -23.66 -8.19
CA VAL A 32 -15.34 -22.82 -9.19
C VAL A 32 -16.82 -23.13 -9.56
N ALA A 33 -17.08 -24.44 -9.77
CA ALA A 33 -18.35 -24.86 -10.30
C ALA A 33 -19.46 -24.50 -9.32
N ASP A 34 -19.12 -24.37 -8.04
CA ASP A 34 -20.23 -24.07 -7.10
C ASP A 34 -20.66 -22.60 -7.17
N ILE A 35 -19.85 -21.74 -7.76
CA ILE A 35 -20.07 -20.29 -7.68
C ILE A 35 -20.99 -19.83 -8.74
N PRO A 36 -21.96 -18.96 -8.39
CA PRO A 36 -22.93 -18.53 -9.41
C PRO A 36 -22.31 -17.91 -10.63
N GLU A 37 -22.92 -18.14 -11.82
CA GLU A 37 -22.29 -17.69 -13.09
C GLU A 37 -22.57 -16.25 -13.30
N GLU A 38 -23.65 -15.82 -12.69
CA GLU A 38 -24.14 -14.53 -13.00
C GLU A 38 -23.87 -13.54 -11.82
N PRO A 39 -23.61 -12.26 -12.20
CA PRO A 39 -23.35 -11.23 -11.23
C PRO A 39 -24.41 -11.27 -10.21
N TYR A 40 -24.06 -10.84 -9.01
CA TYR A 40 -24.97 -10.67 -7.93
CA TYR A 40 -25.02 -10.66 -7.91
C TYR A 40 -26.17 -9.78 -8.39
N PRO A 41 -27.43 -10.11 -7.98
CA PRO A 41 -28.56 -9.20 -8.26
C PRO A 41 -28.25 -7.81 -7.69
N ILE A 42 -28.65 -6.75 -8.42
CA ILE A 42 -28.40 -5.33 -8.02
C ILE A 42 -29.66 -4.51 -8.46
N ALA A 43 -29.87 -3.37 -7.80
CA ALA A 43 -31.01 -2.45 -8.00
C ALA A 43 -31.13 -1.96 -9.44
N SER A 44 -32.37 -1.71 -9.88
CA SER A 44 -32.54 -1.52 -11.32
C SER A 44 -32.06 -0.19 -11.90
N THR A 45 -31.82 0.82 -11.06
CA THR A 45 -31.12 2.02 -11.51
C THR A 45 -29.60 1.93 -11.71
N PHE A 46 -29.01 0.81 -11.22
CA PHE A 46 -27.57 0.57 -11.31
C PHE A 46 -27.23 -0.60 -12.24
N GLU A 47 -25.99 -0.63 -12.67
CA GLU A 47 -25.50 -1.75 -13.50
C GLU A 47 -24.01 -1.95 -13.13
N TRP A 48 -23.59 -3.21 -13.15
CA TRP A 48 -22.21 -3.58 -12.99
C TRP A 48 -21.46 -3.18 -14.24
N TRP A 49 -20.23 -2.78 -14.06
CA TRP A 49 -19.33 -2.40 -15.14
C TRP A 49 -17.91 -2.94 -14.90
N THR A 50 -17.29 -3.44 -15.95
CA THR A 50 -15.89 -3.86 -15.88
C THR A 50 -15.10 -2.83 -16.68
N PRO A 51 -14.33 -1.95 -16.01
CA PRO A 51 -13.64 -0.94 -16.82
C PRO A 51 -12.57 -1.58 -17.67
N ASN A 52 -12.33 -1.00 -18.84
CA ASN A 52 -11.20 -1.41 -19.70
C ASN A 52 -10.02 -0.47 -19.36
N MET A 53 -8.99 -1.02 -18.73
CA MET A 53 -7.87 -0.18 -18.26
CA MET A 53 -7.86 -0.24 -18.26
C MET A 53 -6.97 0.24 -19.41
N GLU A 54 -7.22 -0.25 -20.63
CA GLU A 54 -6.52 0.25 -21.84
C GLU A 54 -7.31 1.46 -22.41
N ALA A 55 -8.48 1.75 -21.87
CA ALA A 55 -9.23 2.90 -22.42
C ALA A 55 -8.94 4.16 -21.57
N ALA A 56 -8.43 5.23 -22.18
CA ALA A 56 -8.25 6.49 -21.39
C ALA A 56 -9.54 6.97 -20.73
N ASP A 57 -10.68 6.82 -21.40
CA ASP A 57 -11.91 7.35 -20.81
C ASP A 57 -12.31 6.57 -19.54
N ASP A 58 -12.02 5.27 -19.56
CA ASP A 58 -12.35 4.39 -18.42
C ASP A 58 -11.40 4.81 -17.24
N ILE A 59 -10.11 4.91 -17.55
CA ILE A 59 -9.12 5.37 -16.49
C ILE A 59 -9.56 6.70 -15.93
N HIS A 60 -9.91 7.64 -16.83
CA HIS A 60 -10.45 8.93 -16.40
C HIS A 60 -11.66 8.90 -15.49
N ALA A 61 -12.67 8.06 -15.79
CA ALA A 61 -13.83 7.98 -14.91
C ALA A 61 -13.46 7.52 -13.48
N ILE A 62 -12.54 6.55 -13.40
CA ILE A 62 -12.17 5.99 -12.07
C ILE A 62 -11.38 7.14 -11.36
N TYR A 63 -10.50 7.76 -12.13
CA TYR A 63 -9.70 8.93 -11.61
C TYR A 63 -10.61 9.98 -10.97
N GLU A 64 -11.70 10.39 -11.66
CA GLU A 64 -12.58 11.42 -11.08
C GLU A 64 -13.30 10.96 -9.86
N LEU A 65 -13.79 9.71 -9.85
CA LEU A 65 -14.52 9.17 -8.69
C LEU A 65 -13.54 9.23 -7.46
N LEU A 66 -12.30 8.75 -7.65
CA LEU A 66 -11.31 8.76 -6.51
C LEU A 66 -10.93 10.20 -6.15
N ARG A 67 -10.70 11.06 -7.16
CA ARG A 67 -10.25 12.43 -6.86
C ARG A 67 -11.26 13.06 -5.88
N ASP A 68 -12.55 12.86 -6.15
CA ASP A 68 -13.58 13.49 -5.39
C ASP A 68 -14.10 12.77 -4.17
N ASN A 69 -13.77 11.47 -4.07
CA ASN A 69 -14.53 10.64 -3.12
C ASN A 69 -13.66 9.63 -2.35
N TYR A 70 -12.40 9.58 -2.67
CA TYR A 70 -11.50 8.61 -1.96
C TYR A 70 -11.03 9.15 -0.57
N VAL A 71 -9.98 8.54 -0.05
CA VAL A 71 -9.70 8.71 1.36
C VAL A 71 -9.29 10.18 1.66
N GLU A 72 -9.83 10.67 2.77
CA GLU A 72 -9.47 11.99 3.36
C GLU A 72 -8.82 11.81 4.67
N ASP A 73 -8.18 12.87 5.22
CA ASP A 73 -7.75 12.76 6.62
C ASP A 73 -9.01 12.95 7.52
N ASP A 74 -8.82 12.77 8.83
CA ASP A 74 -9.95 12.80 9.77
C ASP A 74 -10.56 14.17 9.82
N ASP A 75 -9.74 15.18 9.53
CA ASP A 75 -10.20 16.55 9.58
C ASP A 75 -10.63 17.07 8.24
N SER A 76 -10.70 16.20 7.22
CA SER A 76 -11.18 16.68 5.91
C SER A 76 -10.47 17.90 5.39
N MET A 77 -9.13 17.84 5.41
CA MET A 77 -8.28 18.90 4.94
CA MET A 77 -8.33 18.91 4.90
C MET A 77 -7.55 18.48 3.67
N PHE A 78 -7.30 17.14 3.54
CA PHE A 78 -6.47 16.60 2.42
C PHE A 78 -7.24 15.37 1.92
N ARG A 79 -7.26 15.24 0.60
CA ARG A 79 -7.91 14.03 -0.05
C ARG A 79 -6.94 13.51 -1.11
N PHE A 80 -6.70 12.18 -1.09
CA PHE A 80 -5.74 11.68 -2.07
C PHE A 80 -6.22 12.00 -3.47
N ASN A 81 -5.26 12.27 -4.35
CA ASN A 81 -5.51 12.54 -5.75
C ASN A 81 -4.60 11.70 -6.63
N TYR A 82 -4.85 10.36 -6.59
CA TYR A 82 -4.10 9.49 -7.47
C TYR A 82 -4.20 9.94 -8.93
N SER A 83 -3.08 9.92 -9.64
CA SER A 83 -3.18 10.38 -11.01
C SER A 83 -3.68 9.23 -11.93
N GLU A 84 -3.97 9.60 -13.18
CA GLU A 84 -4.39 8.56 -14.18
C GLU A 84 -3.26 7.67 -14.54
N GLU A 85 -2.03 8.18 -14.65
CA GLU A 85 -0.83 7.35 -14.94
C GLU A 85 -0.58 6.36 -13.74
N PHE A 86 -0.80 6.93 -12.51
CA PHE A 86 -0.61 6.08 -11.33
C PHE A 86 -1.64 4.92 -11.30
N LEU A 87 -2.90 5.27 -11.58
CA LEU A 87 -3.99 4.22 -11.59
C LEU A 87 -3.64 3.20 -12.64
N GLN A 88 -3.21 3.59 -13.86
CA GLN A 88 -2.82 2.61 -14.87
CA GLN A 88 -2.88 2.55 -14.83
C GLN A 88 -1.78 1.62 -14.32
N TRP A 89 -0.77 2.15 -13.62
CA TRP A 89 0.34 1.42 -13.11
C TRP A 89 -0.13 0.45 -12.01
N ALA A 90 -0.93 0.98 -11.09
CA ALA A 90 -1.34 0.23 -9.88
C ALA A 90 -2.34 -0.89 -10.26
N LEU A 91 -3.22 -0.59 -11.21
CA LEU A 91 -4.33 -1.53 -11.58
C LEU A 91 -3.88 -2.60 -12.56
N CYS A 92 -2.77 -2.34 -13.27
CA CYS A 92 -2.38 -3.23 -14.39
C CYS A 92 -1.00 -3.86 -14.36
N PRO A 93 -0.68 -4.56 -13.31
CA PRO A 93 0.57 -5.27 -13.16
C PRO A 93 0.55 -6.47 -14.18
N PRO A 94 1.69 -7.10 -14.42
CA PRO A 94 1.77 -8.29 -15.28
C PRO A 94 0.67 -9.34 -14.90
N ASN A 95 -0.02 -9.82 -15.94
CA ASN A 95 -1.10 -10.79 -15.80
C ASN A 95 -2.22 -10.37 -14.90
N TYR A 96 -2.49 -9.07 -14.83
CA TYR A 96 -3.68 -8.66 -14.11
C TYR A 96 -4.96 -9.25 -14.76
N ILE A 97 -6.02 -9.35 -13.99
CA ILE A 97 -7.24 -9.98 -14.46
C ILE A 97 -8.28 -8.86 -14.63
N PRO A 98 -8.64 -8.49 -15.85
CA PRO A 98 -9.56 -7.35 -16.03
C PRO A 98 -10.87 -7.44 -15.20
N ASP A 99 -11.38 -8.68 -15.10
CA ASP A 99 -12.66 -8.92 -14.45
C ASP A 99 -12.61 -8.65 -12.95
N TRP A 100 -11.41 -8.55 -12.39
CA TRP A 100 -11.24 -8.23 -10.95
C TRP A 100 -11.48 -6.76 -10.55
N HIS A 101 -11.51 -5.89 -11.54
CA HIS A 101 -11.84 -4.46 -11.36
C HIS A 101 -13.35 -4.36 -11.53
N VAL A 102 -14.05 -4.04 -10.44
CA VAL A 102 -15.53 -4.12 -10.39
C VAL A 102 -16.01 -2.70 -10.11
N ALA A 103 -16.95 -2.27 -10.94
CA ALA A 103 -17.58 -0.99 -10.78
C ALA A 103 -19.10 -1.06 -10.82
N VAL A 104 -19.73 -0.04 -10.22
CA VAL A 104 -21.16 0.16 -10.39
C VAL A 104 -21.33 1.55 -11.03
N ARG A 105 -22.12 1.57 -12.14
CA ARG A 105 -22.51 2.80 -12.84
C ARG A 105 -24.02 3.00 -12.73
N ARG A 106 -24.42 4.25 -12.84
CA ARG A 106 -25.82 4.62 -12.87
C ARG A 106 -26.24 4.38 -14.34
N LYS A 107 -27.26 3.53 -14.57
CA LYS A 107 -27.73 3.23 -15.91
C LYS A 107 -28.02 4.47 -16.80
N ALA A 108 -28.85 5.36 -16.27
CA ALA A 108 -29.39 6.49 -17.03
C ALA A 108 -28.33 7.36 -17.68
N ASP A 109 -27.21 7.61 -16.98
CA ASP A 109 -26.15 8.43 -17.55
C ASP A 109 -24.72 7.86 -17.52
N LYS A 110 -24.56 6.64 -17.01
CA LYS A 110 -23.31 5.91 -16.97
C LYS A 110 -22.30 6.54 -15.98
N LYS A 111 -22.79 7.39 -15.09
CA LYS A 111 -21.92 8.00 -14.04
C LYS A 111 -21.37 6.87 -13.14
N LEU A 112 -20.03 6.89 -12.95
CA LEU A 112 -19.40 5.97 -11.96
C LEU A 112 -19.79 6.27 -10.52
N LEU A 113 -20.37 5.30 -9.83
CA LEU A 113 -20.87 5.47 -8.46
C LEU A 113 -20.08 4.68 -7.39
N ALA A 114 -19.38 3.60 -7.78
CA ALA A 114 -18.65 2.84 -6.80
C ALA A 114 -17.62 2.00 -7.54
N PHE A 115 -16.49 1.75 -6.88
CA PHE A 115 -15.43 0.98 -7.50
C PHE A 115 -14.70 0.19 -6.43
N ILE A 116 -14.14 -0.97 -6.87
CA ILE A 116 -13.25 -1.77 -6.04
C ILE A 116 -12.28 -2.45 -7.02
N ALA A 117 -11.03 -2.50 -6.67
CA ALA A 117 -10.02 -3.10 -7.52
C ALA A 117 -9.35 -4.32 -6.88
N GLY A 118 -9.21 -5.41 -7.67
CA GLY A 118 -8.42 -6.55 -7.24
C GLY A 118 -7.27 -6.72 -8.24
N VAL A 119 -6.06 -6.96 -7.73
CA VAL A 119 -4.93 -7.34 -8.60
C VAL A 119 -4.28 -8.57 -8.08
N PRO A 120 -3.64 -9.38 -8.96
CA PRO A 120 -2.93 -10.52 -8.47
C PRO A 120 -1.75 -10.18 -7.63
N VAL A 121 -1.46 -11.01 -6.62
CA VAL A 121 -0.21 -10.90 -5.89
C VAL A 121 0.19 -12.33 -5.53
N THR A 122 1.45 -12.59 -5.58
CA THR A 122 2.00 -13.86 -5.12
C THR A 122 2.57 -13.57 -3.74
N LEU A 123 1.92 -14.18 -2.69
CA LEU A 123 2.16 -13.79 -1.33
C LEU A 123 2.62 -14.97 -0.52
N ARG A 124 3.68 -14.80 0.22
CA ARG A 124 4.03 -15.72 1.35
C ARG A 124 3.15 -15.35 2.53
N MET A 125 2.50 -16.34 3.08
CA MET A 125 1.48 -16.08 4.10
C MET A 125 1.29 -17.39 4.92
N GLY A 126 2.42 -18.08 5.06
CA GLY A 126 2.41 -19.31 5.90
C GLY A 126 2.56 -18.95 7.34
N THR A 127 2.45 -19.95 8.22
CA THR A 127 2.56 -19.68 9.67
C THR A 127 3.76 -18.82 10.04
N PRO A 128 3.56 -17.72 10.82
CA PRO A 128 4.69 -16.88 11.16
C PRO A 128 5.78 -17.50 12.01
N LYS A 129 6.99 -16.99 11.89
CA LYS A 129 8.14 -17.51 12.63
C LYS A 129 7.94 -17.78 14.14
N TYR A 130 7.42 -16.79 14.88
CA TYR A 130 7.15 -16.98 16.34
C TYR A 130 6.21 -18.13 16.63
N MET A 131 5.28 -18.40 15.75
CA MET A 131 4.36 -19.50 15.95
C MET A 131 4.94 -20.80 15.54
N LYS A 132 5.86 -20.75 14.60
CA LYS A 132 6.57 -21.97 14.22
C LYS A 132 7.44 -22.45 15.40
N VAL A 133 8.13 -21.56 16.09
CA VAL A 133 8.86 -21.90 17.33
C VAL A 133 7.97 -22.58 18.38
N LYS A 134 6.82 -21.95 18.66
CA LYS A 134 5.83 -22.51 19.60
C LYS A 134 5.41 -23.87 19.13
N ALA A 135 5.25 -24.02 17.81
CA ALA A 135 4.79 -25.29 17.24
C ALA A 135 5.76 -26.39 17.54
N GLN A 136 7.05 -26.12 17.33
CA GLN A 136 8.13 -27.07 17.60
C GLN A 136 8.08 -27.60 19.02
N GLU A 137 7.88 -26.68 19.98
CA GLU A 137 7.69 -27.00 21.40
C GLU A 137 6.42 -27.86 21.65
N LYS A 138 5.40 -27.69 20.82
CA LYS A 138 4.18 -28.53 20.96
C LYS A 138 4.32 -29.89 20.21
N GLY A 139 5.37 -30.08 19.42
CA GLY A 139 5.44 -31.23 18.54
C GLY A 139 4.67 -31.11 17.23
N GLU A 140 4.25 -29.87 16.88
CA GLU A 140 3.28 -29.60 15.76
C GLU A 140 3.82 -28.98 14.42
N GLY A 141 5.07 -29.27 14.06
CA GLY A 141 5.74 -28.61 12.91
C GLY A 141 5.16 -28.84 11.53
N GLU A 142 4.67 -30.05 11.23
CA GLU A 142 4.07 -30.25 9.91
C GLU A 142 2.78 -29.41 9.75
N GLU A 143 1.94 -29.36 10.76
CA GLU A 143 0.70 -28.61 10.65
C GLU A 143 1.05 -27.13 10.40
N ALA A 144 2.08 -26.63 11.13
CA ALA A 144 2.51 -25.23 11.03
C ALA A 144 3.00 -24.94 9.61
N ALA A 145 3.62 -25.92 8.93
CA ALA A 145 4.24 -25.70 7.59
C ALA A 145 3.36 -25.92 6.37
N LYS A 146 2.14 -26.36 6.60
CA LYS A 146 1.29 -26.82 5.52
C LYS A 146 1.10 -25.79 4.39
N TYR A 147 0.92 -24.52 4.77
CA TYR A 147 0.66 -23.48 3.80
C TYR A 147 1.83 -22.54 3.62
N ASP A 148 3.07 -23.08 3.71
CA ASP A 148 4.26 -22.29 3.47
C ASP A 148 4.52 -21.80 2.04
N GLU A 149 4.00 -22.50 1.03
CA GLU A 149 4.36 -22.15 -0.33
C GLU A 149 3.72 -20.79 -0.65
N PRO A 150 4.44 -19.90 -1.37
CA PRO A 150 3.71 -18.66 -1.79
C PRO A 150 2.39 -18.96 -2.46
N ARG A 151 1.36 -18.14 -2.22
CA ARG A 151 0.05 -18.38 -2.84
C ARG A 151 -0.35 -17.27 -3.80
N HIS A 152 -0.97 -17.60 -4.92
CA HIS A 152 -1.44 -16.60 -5.91
C HIS A 152 -2.78 -16.20 -5.38
N ILE A 153 -2.83 -15.02 -4.74
CA ILE A 153 -4.13 -14.51 -4.23
C ILE A 153 -4.44 -13.15 -4.82
N CYS A 154 -5.44 -12.50 -4.24
CA CYS A 154 -5.96 -11.18 -4.69
C CYS A 154 -5.60 -10.12 -3.69
N GLU A 155 -5.11 -8.96 -4.15
CA GLU A 155 -4.91 -7.80 -3.28
C GLU A 155 -5.99 -6.83 -3.67
N ILE A 156 -6.82 -6.42 -2.67
CA ILE A 156 -7.97 -5.59 -2.89
C ILE A 156 -7.59 -4.16 -2.45
N ASN A 157 -7.95 -3.18 -3.29
CA ASN A 157 -7.59 -1.76 -2.94
C ASN A 157 -8.60 -0.90 -3.66
N PHE A 158 -8.58 0.41 -3.38
CA PHE A 158 -9.36 1.41 -4.10
C PHE A 158 -10.85 1.25 -3.94
N LEU A 159 -11.35 0.64 -2.84
CA LEU A 159 -12.79 0.57 -2.58
C LEU A 159 -13.29 2.04 -2.39
N CYS A 160 -14.34 2.41 -3.11
CA CYS A 160 -14.82 3.84 -3.07
C CYS A 160 -16.28 3.87 -3.43
N VAL A 161 -17.10 4.49 -2.58
CA VAL A 161 -18.52 4.74 -2.89
C VAL A 161 -18.64 6.22 -2.93
N HIS A 162 -19.29 6.69 -3.96
CA HIS A 162 -19.49 8.16 -4.15
C HIS A 162 -20.15 8.72 -2.89
N LYS A 163 -19.76 9.97 -2.54
CA LYS A 163 -20.38 10.59 -1.34
C LYS A 163 -21.89 10.65 -1.30
N GLN A 164 -22.53 10.80 -2.45
CA GLN A 164 -24.01 10.82 -2.43
C GLN A 164 -24.70 9.48 -2.14
N LEU A 165 -23.90 8.40 -2.05
CA LEU A 165 -24.42 7.06 -1.93
C LEU A 165 -23.99 6.35 -0.65
N ARG A 166 -23.36 7.15 0.24
CA ARG A 166 -22.78 6.62 1.45
C ARG A 166 -23.89 6.13 2.37
N GLU A 167 -23.59 5.04 3.05
CA GLU A 167 -24.42 4.46 4.13
C GLU A 167 -25.69 3.82 3.58
N LYS A 168 -25.65 3.35 2.34
CA LYS A 168 -26.79 2.59 1.80
CA LYS A 168 -26.77 2.61 1.75
C LYS A 168 -26.41 1.14 1.51
N ARG A 169 -25.34 0.68 2.19
CA ARG A 169 -24.95 -0.75 2.10
C ARG A 169 -24.45 -1.14 0.73
N LEU A 170 -23.99 -0.19 -0.08
CA LEU A 170 -23.34 -0.47 -1.35
C LEU A 170 -21.97 -1.17 -1.22
N ALA A 171 -21.19 -0.79 -0.21
CA ALA A 171 -19.85 -1.35 -0.06
C ALA A 171 -19.95 -2.92 0.07
N PRO A 172 -20.83 -3.48 0.91
CA PRO A 172 -20.99 -4.96 0.96
C PRO A 172 -21.30 -5.55 -0.37
N ILE A 173 -22.06 -4.84 -1.20
CA ILE A 173 -22.45 -5.40 -2.48
C ILE A 173 -21.26 -5.49 -3.41
N LEU A 174 -20.46 -4.43 -3.42
CA LEU A 174 -19.21 -4.45 -4.16
C LEU A 174 -18.29 -5.57 -3.68
N ILE A 175 -18.15 -5.72 -2.38
CA ILE A 175 -17.20 -6.70 -1.83
C ILE A 175 -17.67 -8.11 -2.22
N LYS A 176 -19.00 -8.34 -2.13
CA LYS A 176 -19.58 -9.68 -2.57
C LYS A 176 -19.32 -9.99 -4.04
N GLU A 177 -19.51 -9.03 -4.90
CA GLU A 177 -19.31 -9.22 -6.31
C GLU A 177 -17.85 -9.41 -6.60
N ALA A 178 -16.92 -8.62 -5.97
CA ALA A 178 -15.46 -8.86 -6.18
C ALA A 178 -15.15 -10.26 -5.76
N THR A 179 -15.78 -10.71 -4.67
CA THR A 179 -15.37 -11.97 -4.09
C THR A 179 -15.77 -13.04 -5.16
N ARG A 180 -16.94 -12.87 -5.72
CA ARG A 180 -17.53 -13.82 -6.70
C ARG A 180 -16.60 -13.88 -7.88
N ARG A 181 -16.25 -12.73 -8.45
CA ARG A 181 -15.34 -12.74 -9.62
C ARG A 181 -14.01 -13.35 -9.35
N VAL A 182 -13.44 -13.13 -8.16
CA VAL A 182 -12.20 -13.71 -7.78
C VAL A 182 -12.31 -15.25 -7.60
N ASN A 183 -13.37 -15.67 -6.88
CA ASN A 183 -13.61 -17.11 -6.68
C ASN A 183 -13.79 -17.84 -8.04
N ARG A 184 -14.34 -17.14 -9.03
CA ARG A 184 -14.68 -17.73 -10.38
C ARG A 184 -13.35 -18.01 -11.09
N THR A 185 -12.25 -17.43 -10.55
CA THR A 185 -10.90 -17.67 -11.14
C THR A 185 -10.11 -18.60 -10.29
N ASN A 186 -10.73 -19.28 -9.30
CA ASN A 186 -10.11 -20.22 -8.43
C ASN A 186 -9.10 -19.65 -7.47
N VAL A 187 -9.46 -18.43 -7.01
CA VAL A 187 -8.73 -17.78 -5.94
C VAL A 187 -9.65 -17.52 -4.77
N TRP A 188 -9.12 -17.89 -3.61
CA TRP A 188 -9.99 -17.95 -2.41
C TRP A 188 -9.55 -17.15 -1.22
N GLN A 189 -8.38 -16.54 -1.30
CA GLN A 189 -7.85 -15.61 -0.22
C GLN A 189 -7.68 -14.21 -0.86
N ALA A 190 -7.80 -13.18 0.00
CA ALA A 190 -7.44 -11.80 -0.40
C ALA A 190 -6.69 -11.13 0.74
N VAL A 191 -5.95 -10.07 0.42
CA VAL A 191 -5.19 -9.29 1.40
C VAL A 191 -5.56 -7.86 1.12
N TYR A 192 -5.79 -7.11 2.20
CA TYR A 192 -6.26 -5.70 2.03
C TYR A 192 -5.82 -4.93 3.26
N THR A 193 -5.65 -3.61 3.10
CA THR A 193 -5.42 -2.79 4.28
C THR A 193 -6.57 -1.77 4.32
N ALA A 194 -6.74 -1.18 5.50
CA ALA A 194 -7.67 -0.04 5.68
C ALA A 194 -7.12 0.78 6.88
N GLY A 195 -7.51 2.07 6.87
CA GLY A 195 -7.14 2.96 7.97
C GLY A 195 -8.25 2.98 9.00
N VAL A 196 -9.18 2.04 8.94
CA VAL A 196 -10.29 1.89 9.93
C VAL A 196 -10.18 0.48 10.52
N LEU A 197 -10.72 0.27 11.69
CA LEU A 197 -10.86 -0.99 12.36
C LEU A 197 -12.06 -1.84 11.98
N LEU A 198 -11.76 -3.06 11.49
CA LEU A 198 -12.78 -3.97 10.93
C LEU A 198 -12.48 -5.34 11.60
N PRO A 199 -13.44 -6.28 11.53
CA PRO A 199 -13.07 -7.63 11.99
C PRO A 199 -12.18 -8.29 10.92
N THR A 200 -10.97 -8.72 11.21
CA THR A 200 -10.16 -8.48 12.39
C THR A 200 -8.71 -8.44 11.92
N PRO A 201 -7.96 -7.41 12.25
CA PRO A 201 -6.58 -7.28 11.63
C PRO A 201 -5.64 -8.39 12.08
N TYR A 202 -4.71 -8.77 11.20
CA TYR A 202 -3.56 -9.61 11.66
C TYR A 202 -2.32 -8.77 11.99
N ALA A 203 -2.30 -7.46 11.64
CA ALA A 203 -1.20 -6.53 12.09
C ALA A 203 -1.71 -5.11 11.96
N SER A 204 -1.03 -4.23 12.67
CA SER A 204 -1.42 -2.81 12.71
CA SER A 204 -1.40 -2.79 12.77
C SER A 204 -0.15 -2.02 12.89
N GLY A 205 -0.07 -0.89 12.22
CA GLY A 205 1.06 -0.04 12.39
C GLY A 205 0.79 1.45 12.26
N GLN A 206 1.66 2.25 12.90
CA GLN A 206 1.60 3.69 12.75
C GLN A 206 2.03 4.23 11.42
N TYR A 207 1.56 5.43 11.09
CA TYR A 207 2.08 6.19 9.92
C TYR A 207 3.21 7.11 10.36
N PHE A 208 4.08 7.40 9.42
CA PHE A 208 5.20 8.33 9.69
C PHE A 208 5.41 9.31 8.59
N HIS A 209 5.83 10.55 8.92
CA HIS A 209 6.00 11.60 7.89
CA HIS A 209 5.97 11.69 7.94
C HIS A 209 7.32 12.35 8.15
N ARG A 210 8.00 12.73 7.09
CA ARG A 210 9.28 13.45 7.13
C ARG A 210 9.11 14.70 6.30
N SER A 211 9.16 15.84 6.99
CA SER A 211 9.00 17.15 6.31
CA SER A 211 9.00 17.15 6.30
C SER A 211 10.13 17.41 5.31
N LEU A 212 9.80 17.87 4.08
CA LEU A 212 10.82 18.15 3.05
C LEU A 212 10.78 19.63 2.73
N ASN A 213 9.59 20.20 2.76
CA ASN A 213 9.36 21.65 2.48
C ASN A 213 8.44 22.07 3.62
N PRO A 214 9.02 22.28 4.83
CA PRO A 214 8.20 22.66 6.02
C PRO A 214 7.40 23.99 5.85
N GLU A 215 7.91 24.96 5.10
CA GLU A 215 7.21 26.20 4.89
C GLU A 215 5.82 25.99 4.30
N LYS A 216 5.79 25.19 3.23
CA LYS A 216 4.53 24.85 2.54
C LYS A 216 3.64 24.02 3.44
N LEU A 217 4.24 23.04 4.15
CA LEU A 217 3.43 22.20 5.06
C LEU A 217 2.71 22.93 6.16
N VAL A 218 3.38 23.99 6.70
CA VAL A 218 2.75 24.85 7.67
C VAL A 218 1.63 25.74 7.05
N GLU A 219 1.89 26.26 5.87
CA GLU A 219 0.95 27.12 5.11
C GLU A 219 -0.38 26.41 4.87
N ILE A 220 -0.27 25.10 4.54
CA ILE A 220 -1.49 24.31 4.19
C ILE A 220 -2.07 23.59 5.37
N ARG A 221 -1.46 23.81 6.55
CA ARG A 221 -1.86 23.24 7.82
C ARG A 221 -1.74 21.72 7.90
N PHE A 222 -0.89 21.14 7.07
CA PHE A 222 -0.43 19.75 7.32
C PHE A 222 0.37 19.61 8.61
N SER A 223 1.19 20.64 8.89
CA SER A 223 2.18 20.72 10.02
C SER A 223 1.89 22.02 10.76
N GLY A 224 2.30 22.05 12.02
CA GLY A 224 2.33 23.29 12.84
C GLY A 224 3.77 23.68 13.07
N ILE A 225 3.98 24.91 13.53
CA ILE A 225 5.25 25.21 14.16
C ILE A 225 5.05 24.63 15.58
N PRO A 226 5.78 23.57 15.96
CA PRO A 226 5.46 22.96 17.26
C PRO A 226 5.77 23.89 18.47
N ALA A 227 5.12 23.63 19.59
CA ALA A 227 5.12 24.59 20.70
C ALA A 227 6.54 25.03 21.18
N GLN A 228 7.49 24.10 21.26
CA GLN A 228 8.89 24.40 21.67
C GLN A 228 9.67 25.31 20.68
N TYR A 229 9.03 25.68 19.59
CA TYR A 229 9.71 26.52 18.63
C TYR A 229 9.35 28.00 18.92
N GLN A 230 8.46 28.20 19.91
CA GLN A 230 8.04 29.56 20.32
C GLN A 230 9.12 30.29 21.14
N LYS A 231 9.73 29.57 22.09
CA LYS A 231 10.90 30.05 22.84
C LYS A 231 11.97 30.70 21.91
N PHE A 232 11.82 30.47 20.60
CA PHE A 232 12.78 30.99 19.61
C PHE A 232 12.32 32.32 19.07
N GLN A 233 13.29 33.15 18.73
CA GLN A 233 12.94 34.47 18.25
C GLN A 233 12.27 34.31 16.91
N ASN A 234 12.81 33.39 16.09
CA ASN A 234 12.24 33.19 14.73
C ASN A 234 11.91 31.72 14.39
N PRO A 235 10.67 31.31 14.67
CA PRO A 235 10.35 29.88 14.57
C PRO A 235 10.58 29.15 13.24
N MET A 236 10.29 29.76 12.09
CA MET A 236 10.30 29.08 10.83
C MET A 236 11.68 28.95 10.27
N ALA A 237 12.59 29.88 10.62
CA ALA A 237 13.89 29.84 9.95
C ALA A 237 14.57 28.61 10.55
N MET A 238 14.27 28.41 11.85
CA MET A 238 14.76 27.29 12.66
CA MET A 238 14.76 27.29 12.66
C MET A 238 14.13 26.02 12.08
N LEU A 239 12.86 26.13 11.65
CA LEU A 239 12.23 24.89 11.07
C LEU A 239 12.83 24.50 9.74
N LYS A 240 13.10 25.41 8.84
CA LYS A 240 13.76 25.00 7.63
C LYS A 240 15.13 24.41 7.88
N ARG A 241 15.86 25.02 8.83
CA ARG A 241 17.23 24.59 9.14
C ARG A 241 17.25 23.17 9.74
N ASN A 242 16.28 22.91 10.61
CA ASN A 242 16.14 21.58 11.10
C ASN A 242 15.98 20.52 10.00
N TYR A 243 15.22 20.85 8.94
CA TYR A 243 14.79 19.82 7.94
C TYR A 243 15.58 19.92 6.66
N GLN A 244 16.61 20.80 6.65
CA GLN A 244 17.40 20.95 5.43
C GLN A 244 18.07 19.60 5.04
N LEU A 245 18.32 19.44 3.73
CA LEU A 245 19.02 18.33 3.22
C LEU A 245 20.08 18.70 2.16
N PRO A 246 21.10 17.85 2.02
CA PRO A 246 22.06 17.99 0.92
C PRO A 246 21.42 18.02 -0.44
N SER A 247 22.08 18.69 -1.38
CA SER A 247 21.54 18.84 -2.72
C SER A 247 21.63 17.58 -3.56
N ALA A 248 22.64 16.75 -3.28
CA ALA A 248 22.96 15.64 -4.09
C ALA A 248 23.13 14.39 -3.21
N PRO A 249 22.84 13.20 -3.79
CA PRO A 249 23.03 12.02 -2.94
C PRO A 249 24.41 11.88 -2.37
N LYS A 250 24.49 11.38 -1.15
CA LYS A 250 25.78 11.19 -0.53
C LYS A 250 26.46 9.86 -0.96
N ASN A 251 25.70 8.86 -1.45
CA ASN A 251 26.31 7.60 -1.93
C ASN A 251 26.74 7.80 -3.42
N SER A 252 28.05 7.94 -3.70
CA SER A 252 28.48 7.83 -5.12
C SER A 252 28.16 6.36 -5.57
N GLY A 253 27.89 6.18 -6.81
CA GLY A 253 27.36 4.88 -7.14
C GLY A 253 25.86 4.91 -7.26
N LEU A 254 25.21 5.88 -6.61
CA LEU A 254 23.75 6.11 -6.72
C LEU A 254 23.40 6.61 -8.12
N ARG A 255 22.47 5.94 -8.79
CA ARG A 255 21.97 6.37 -10.10
C ARG A 255 20.56 5.78 -10.26
N GLU A 256 19.77 6.33 -11.17
CA GLU A 256 18.46 5.74 -11.46
C GLU A 256 18.58 4.34 -11.95
N MET A 257 17.63 3.50 -11.54
CA MET A 257 17.54 2.16 -12.03
C MET A 257 17.20 2.13 -13.55
N LYS A 258 17.78 1.14 -14.23
CA LYS A 258 17.49 0.92 -15.64
CA LYS A 258 17.63 0.90 -15.66
C LYS A 258 17.12 -0.55 -15.86
N PRO A 259 16.54 -0.85 -17.05
CA PRO A 259 16.06 -2.21 -17.26
C PRO A 259 17.13 -3.29 -17.02
N SER A 260 18.42 -3.04 -17.29
CA SER A 260 19.42 -4.10 -17.13
C SER A 260 19.66 -4.46 -15.67
N ASP A 261 19.13 -3.62 -14.75
CA ASP A 261 19.25 -3.87 -13.32
C ASP A 261 18.22 -4.83 -12.79
N VAL A 262 17.20 -5.16 -13.59
CA VAL A 262 16.05 -5.95 -13.11
C VAL A 262 16.49 -7.23 -12.38
N PRO A 263 17.33 -8.10 -12.99
CA PRO A 263 17.72 -9.31 -12.24
C PRO A 263 18.38 -9.09 -10.89
N GLN A 264 19.25 -8.10 -10.78
CA GLN A 264 20.04 -7.92 -9.56
C GLN A 264 19.05 -7.35 -8.52
N VAL A 265 18.22 -6.42 -8.96
CA VAL A 265 17.22 -5.82 -7.98
C VAL A 265 16.28 -6.90 -7.49
N ARG A 266 15.76 -7.72 -8.38
CA ARG A 266 14.94 -8.87 -7.96
CA ARG A 266 14.94 -8.87 -7.95
C ARG A 266 15.64 -9.72 -6.88
N ARG A 267 16.89 -10.09 -7.12
CA ARG A 267 17.66 -10.92 -6.18
CA ARG A 267 17.66 -10.92 -6.20
C ARG A 267 17.83 -10.29 -4.81
N ILE A 268 18.37 -9.06 -4.74
CA ILE A 268 18.58 -8.37 -3.47
C ILE A 268 17.25 -8.13 -2.78
N LEU A 269 16.22 -7.76 -3.56
CA LEU A 269 14.89 -7.55 -2.91
C LEU A 269 14.37 -8.87 -2.37
N MET A 270 14.35 -9.91 -3.15
CA MET A 270 13.73 -11.17 -2.66
C MET A 270 14.52 -11.72 -1.49
N ASN A 271 15.81 -11.53 -1.48
CA ASN A 271 16.60 -12.04 -0.37
CA ASN A 271 16.64 -12.01 -0.38
C ASN A 271 16.23 -11.29 0.91
N TYR A 272 16.06 -9.96 0.82
CA TYR A 272 15.62 -9.19 1.95
C TYR A 272 14.23 -9.51 2.41
N LEU A 273 13.24 -9.60 1.49
CA LEU A 273 11.80 -9.78 1.86
C LEU A 273 11.60 -11.14 2.49
N ASP A 274 12.45 -12.09 2.18
CA ASP A 274 12.45 -13.38 2.90
C ASP A 274 12.50 -13.29 4.38
N SER A 275 13.14 -12.28 4.94
CA SER A 275 13.23 -12.19 6.35
CA SER A 275 13.25 -12.08 6.36
C SER A 275 11.87 -11.91 7.01
N PHE A 276 10.83 -11.65 6.20
CA PHE A 276 9.51 -11.22 6.85
C PHE A 276 8.45 -12.30 6.75
N ASP A 277 7.54 -12.39 7.73
CA ASP A 277 6.53 -13.42 7.62
C ASP A 277 5.52 -13.33 6.53
N VAL A 278 5.06 -12.09 6.19
CA VAL A 278 4.12 -11.94 5.11
C VAL A 278 4.80 -11.01 4.08
N GLY A 279 4.87 -11.46 2.83
CA GLY A 279 5.68 -10.64 1.90
C GLY A 279 5.47 -11.14 0.52
N PRO A 280 5.55 -10.26 -0.48
CA PRO A 280 5.27 -10.61 -1.89
C PRO A 280 6.50 -11.34 -2.52
N VAL A 281 6.18 -12.12 -3.52
CA VAL A 281 7.22 -12.78 -4.37
C VAL A 281 7.02 -12.11 -5.71
N PHE A 282 8.09 -11.50 -6.23
CA PHE A 282 8.02 -10.84 -7.56
C PHE A 282 8.90 -11.57 -8.63
N SER A 283 8.23 -11.76 -9.78
CA SER A 283 8.93 -12.23 -11.04
C SER A 283 9.81 -11.07 -11.54
N ASP A 284 10.72 -11.35 -12.48
CA ASP A 284 11.42 -10.23 -13.17
C ASP A 284 10.42 -9.25 -13.76
N ALA A 285 9.31 -9.76 -14.37
CA ALA A 285 8.32 -8.87 -15.00
C ALA A 285 7.63 -7.94 -13.98
N GLU A 286 7.45 -8.50 -12.78
CA GLU A 286 6.86 -7.73 -11.70
C GLU A 286 7.82 -6.72 -11.09
N ILE A 287 9.11 -7.07 -10.97
CA ILE A 287 10.11 -6.11 -10.56
C ILE A 287 10.17 -4.97 -11.58
N SER A 288 10.22 -5.30 -12.88
CA SER A 288 10.24 -4.30 -13.95
CA SER A 288 10.24 -4.27 -13.92
C SER A 288 9.03 -3.37 -13.80
N HIS A 289 7.82 -3.98 -13.66
CA HIS A 289 6.61 -3.16 -13.55
C HIS A 289 6.57 -2.24 -12.29
N TYR A 290 6.86 -2.82 -11.12
CA TYR A 290 6.68 -2.02 -9.92
C TYR A 290 7.88 -1.07 -9.60
N LEU A 291 9.04 -1.31 -10.22
CA LEU A 291 10.26 -0.59 -9.72
C LEU A 291 10.89 0.25 -10.88
N LEU A 292 10.70 -0.12 -12.15
CA LEU A 292 11.36 0.78 -13.16
C LEU A 292 10.80 2.14 -13.12
N PRO A 293 11.69 3.14 -13.22
CA PRO A 293 11.15 4.44 -13.08
C PRO A 293 10.09 4.73 -14.09
N ARG A 294 9.08 5.49 -13.65
CA ARG A 294 8.01 5.95 -14.52
C ARG A 294 7.74 7.36 -14.17
N ASP A 295 7.88 8.29 -15.15
CA ASP A 295 7.68 9.68 -14.84
C ASP A 295 6.42 10.05 -14.08
N GLY A 296 6.62 10.82 -13.02
CA GLY A 296 5.50 11.20 -12.18
C GLY A 296 4.87 10.17 -11.20
N VAL A 297 5.36 8.96 -11.28
CA VAL A 297 4.71 7.85 -10.61
C VAL A 297 5.65 7.13 -9.67
N VAL A 298 6.71 6.54 -10.16
CA VAL A 298 7.59 5.73 -9.28
C VAL A 298 9.07 6.05 -9.68
N PHE A 299 9.93 6.17 -8.66
CA PHE A 299 11.24 6.69 -8.76
C PHE A 299 12.11 5.66 -8.06
N THR A 300 13.11 5.14 -8.73
CA THR A 300 13.91 4.04 -8.22
C THR A 300 15.35 4.28 -8.53
N TYR A 301 16.20 4.13 -7.50
CA TYR A 301 17.63 4.44 -7.56
C TYR A 301 18.35 3.22 -7.06
N VAL A 302 19.45 2.84 -7.71
CA VAL A 302 20.30 1.77 -7.25
C VAL A 302 21.66 2.34 -6.85
N VAL A 303 22.32 1.67 -5.92
CA VAL A 303 23.73 1.87 -5.69
C VAL A 303 24.48 0.81 -6.42
N GLU A 304 25.31 1.27 -7.38
CA GLU A 304 26.10 0.38 -8.19
CA GLU A 304 26.10 0.34 -8.13
C GLU A 304 27.55 0.68 -7.87
N ASN A 305 28.28 -0.31 -7.42
CA ASN A 305 29.75 -0.19 -7.38
C ASN A 305 30.43 -1.45 -7.90
N ASP A 306 31.53 -1.26 -8.64
CA ASP A 306 32.22 -2.34 -9.42
C ASP A 306 31.20 -3.13 -10.23
N LYS A 307 30.40 -2.38 -10.99
CA LYS A 307 29.46 -2.96 -11.95
C LYS A 307 28.40 -3.84 -11.32
N LYS A 308 28.24 -3.79 -10.01
CA LYS A 308 27.13 -4.58 -9.47
C LYS A 308 26.23 -3.73 -8.57
N VAL A 309 24.94 -4.08 -8.58
CA VAL A 309 23.93 -3.36 -7.80
C VAL A 309 23.97 -4.00 -6.37
N THR A 310 24.21 -3.19 -5.35
CA THR A 310 24.29 -3.71 -4.03
C THR A 310 23.18 -3.19 -3.12
N ASP A 311 22.57 -2.08 -3.49
CA ASP A 311 21.52 -1.49 -2.64
C ASP A 311 20.53 -0.85 -3.60
N PHE A 312 19.27 -0.67 -3.14
CA PHE A 312 18.38 0.21 -3.92
C PHE A 312 17.32 0.77 -3.02
N PHE A 313 16.66 1.81 -3.51
CA PHE A 313 15.40 2.27 -2.90
C PHE A 313 14.40 2.74 -3.95
N SER A 314 13.16 2.80 -3.59
CA SER A 314 12.12 3.24 -4.53
C SER A 314 11.12 4.07 -3.69
N PHE A 315 10.52 5.06 -4.34
CA PHE A 315 9.42 5.72 -3.73
C PHE A 315 8.45 6.08 -4.81
N TYR A 316 7.18 6.19 -4.43
CA TYR A 316 6.11 6.54 -5.41
C TYR A 316 5.43 7.87 -5.01
N ARG A 317 4.83 8.57 -6.01
CA ARG A 317 4.24 9.88 -5.81
C ARG A 317 2.73 9.79 -5.76
N ILE A 318 2.11 10.43 -4.76
CA ILE A 318 0.63 10.66 -4.82
C ILE A 318 0.44 12.07 -4.33
N PRO A 319 -0.03 12.96 -5.19
CA PRO A 319 -0.42 14.24 -4.65
C PRO A 319 -1.77 14.16 -3.89
N SER A 320 -2.01 15.01 -2.89
CA SER A 320 -3.28 15.19 -2.29
C SER A 320 -3.86 16.55 -2.55
N THR A 321 -5.17 16.58 -2.74
CA THR A 321 -5.94 17.85 -2.84
C THR A 321 -5.95 18.50 -1.47
N VAL A 322 -5.60 19.81 -1.43
CA VAL A 322 -5.71 20.60 -0.20
C VAL A 322 -7.13 21.24 -0.21
N ILE A 323 -8.02 20.73 0.64
CA ILE A 323 -9.51 20.91 0.55
C ILE A 323 -9.93 22.32 0.94
N GLY A 324 -9.18 22.93 1.87
CA GLY A 324 -9.51 24.27 2.27
C GLY A 324 -8.82 25.31 1.39
N ASN A 325 -7.46 25.25 1.37
CA ASN A 325 -6.51 26.39 1.19
C ASN A 325 -6.78 27.38 0.07
N SER A 326 -6.15 28.55 0.25
CA SER A 326 -6.07 29.63 -0.71
C SER A 326 -4.84 29.50 -1.64
N ASN A 327 -3.64 29.52 -1.04
CA ASN A 327 -2.35 29.63 -1.77
C ASN A 327 -1.91 28.39 -2.57
N TYR A 328 -2.42 27.24 -2.16
CA TYR A 328 -1.88 25.97 -2.64
C TYR A 328 -3.03 25.03 -2.93
N ASN A 329 -2.91 24.33 -4.04
CA ASN A 329 -3.90 23.38 -4.51
C ASN A 329 -3.59 21.96 -4.00
N LEU A 330 -2.28 21.67 -3.86
CA LEU A 330 -1.77 20.28 -3.82
C LEU A 330 -0.62 20.09 -2.85
N LEU A 331 -0.67 18.97 -2.16
CA LEU A 331 0.46 18.44 -1.31
C LEU A 331 1.17 17.34 -2.11
N ASN A 332 2.47 17.48 -2.43
CA ASN A 332 3.18 16.61 -3.34
C ASN A 332 3.96 15.62 -2.45
N ALA A 333 3.36 14.46 -2.18
CA ALA A 333 3.95 13.47 -1.18
C ALA A 333 4.67 12.33 -1.93
N ALA A 334 5.81 11.98 -1.35
CA ALA A 334 6.65 10.81 -1.69
C ALA A 334 6.42 9.75 -0.60
N TYR A 335 6.17 8.54 -1.08
CA TYR A 335 5.88 7.39 -0.17
C TYR A 335 6.97 6.37 -0.36
N VAL A 336 7.58 5.94 0.77
CA VAL A 336 8.62 4.95 0.67
C VAL A 336 8.02 3.66 0.15
N HIS A 337 8.74 3.04 -0.80
CA HIS A 337 8.16 1.86 -1.49
C HIS A 337 9.05 0.69 -1.06
N TYR A 338 9.51 -0.16 -1.95
CA TYR A 338 10.47 -1.18 -1.54
C TYR A 338 11.91 -0.63 -1.57
N TYR A 339 12.80 -1.34 -0.87
CA TYR A 339 14.20 -1.06 -0.86
C TYR A 339 14.97 -2.31 -0.39
N ALA A 340 16.27 -2.25 -0.51
CA ALA A 340 17.10 -3.28 0.09
C ALA A 340 18.51 -2.67 0.28
N ALA A 341 19.11 -2.91 1.45
CA ALA A 341 20.46 -2.42 1.74
C ALA A 341 21.38 -3.60 2.07
N THR A 342 22.47 -3.70 1.32
CA THR A 342 23.47 -4.71 1.69
C THR A 342 24.85 -4.09 1.89
N SER A 343 25.09 -2.86 1.48
CA SER A 343 26.43 -2.34 1.58
C SER A 343 26.60 -1.25 2.62
N ILE A 344 25.50 -0.65 3.05
CA ILE A 344 25.51 0.59 3.87
C ILE A 344 24.34 0.44 4.82
N PRO A 345 24.37 1.18 5.94
CA PRO A 345 23.26 1.12 6.89
C PRO A 345 21.98 1.67 6.23
N LEU A 346 20.89 1.05 6.53
CA LEU A 346 19.60 1.51 5.94
C LEU A 346 19.39 3.01 6.10
N HIS A 347 19.76 3.62 7.26
CA HIS A 347 19.60 5.05 7.42
C HIS A 347 20.37 5.91 6.38
N GLN A 348 21.56 5.43 5.98
CA GLN A 348 22.32 6.08 5.04
C GLN A 348 21.70 5.90 3.61
N LEU A 349 21.09 4.77 3.38
CA LEU A 349 20.37 4.54 2.06
C LEU A 349 19.13 5.46 1.95
N ILE A 350 18.32 5.51 3.02
CA ILE A 350 17.11 6.28 3.02
C ILE A 350 17.34 7.79 3.04
N LEU A 351 18.48 8.23 3.59
CA LEU A 351 18.78 9.62 3.55
C LEU A 351 18.89 10.10 2.09
N ASP A 352 19.46 9.25 1.26
CA ASP A 352 19.56 9.57 -0.19
C ASP A 352 18.15 9.60 -0.84
N LEU A 353 17.22 8.72 -0.42
CA LEU A 353 15.82 8.86 -0.79
C LEU A 353 15.28 10.26 -0.46
N LEU A 354 15.45 10.72 0.80
CA LEU A 354 14.95 12.04 1.26
C LEU A 354 15.61 13.11 0.44
N ILE A 355 16.90 12.91 0.10
CA ILE A 355 17.62 13.95 -0.69
C ILE A 355 17.05 14.04 -2.12
N VAL A 356 16.90 12.87 -2.72
CA VAL A 356 16.29 12.84 -4.07
C VAL A 356 14.87 13.40 -4.08
N ALA A 357 14.04 12.95 -3.16
CA ALA A 357 12.67 13.47 -3.12
C ALA A 357 12.65 14.98 -2.96
N HIS A 358 13.50 15.53 -2.09
CA HIS A 358 13.47 16.94 -1.88
C HIS A 358 13.93 17.69 -3.14
N SER A 359 14.98 17.20 -3.79
CA SER A 359 15.51 17.81 -4.99
CA SER A 359 15.49 17.85 -4.96
C SER A 359 14.48 17.86 -6.10
N ARG A 360 13.67 16.79 -6.17
CA ARG A 360 12.60 16.66 -7.21
C ARG A 360 11.30 17.31 -6.85
N GLY A 361 11.31 18.12 -5.79
CA GLY A 361 10.22 18.94 -5.33
C GLY A 361 9.04 18.36 -4.56
N PHE A 362 9.29 17.26 -3.87
CA PHE A 362 8.26 16.76 -2.95
C PHE A 362 8.27 17.48 -1.70
N ASP A 363 7.12 17.53 -1.08
CA ASP A 363 6.86 18.29 0.13
C ASP A 363 7.05 17.51 1.43
N VAL A 364 6.84 16.18 1.37
CA VAL A 364 6.86 15.33 2.61
C VAL A 364 7.10 13.93 2.06
N CYS A 365 7.80 13.16 2.92
CA CYS A 365 8.03 11.74 2.69
C CYS A 365 7.26 10.96 3.72
N ASN A 366 6.48 10.00 3.25
CA ASN A 366 5.52 9.26 4.09
C ASN A 366 5.75 7.72 4.06
N MET A 367 5.42 7.03 5.16
CA MET A 367 5.61 5.58 5.18
C MET A 367 4.81 5.00 6.37
N VAL A 368 4.62 3.68 6.32
CA VAL A 368 3.98 2.95 7.44
C VAL A 368 5.13 2.16 8.12
N GLU A 369 4.94 1.70 9.38
CA GLU A 369 6.12 1.08 10.13
C GLU A 369 6.20 -0.41 9.76
N ILE A 370 6.09 -0.68 8.49
CA ILE A 370 6.40 -2.04 8.03
C ILE A 370 7.83 -2.14 7.63
N LEU A 371 8.19 -3.30 7.11
CA LEU A 371 9.56 -3.55 6.69
C LEU A 371 10.51 -3.26 7.84
N ASP A 372 11.60 -2.57 7.62
CA ASP A 372 12.51 -2.05 8.71
C ASP A 372 12.42 -0.53 8.83
N ASN A 373 11.25 -0.06 8.52
CA ASN A 373 11.06 1.44 8.50
C ASN A 373 11.34 2.09 9.87
N ARG A 374 11.12 1.36 10.96
CA ARG A 374 11.53 1.92 12.33
C ARG A 374 12.99 2.19 12.57
N SER A 375 13.81 1.42 11.92
CA SER A 375 15.17 1.51 12.23
C SER A 375 15.70 2.87 11.80
N PHE A 376 14.89 3.66 11.04
CA PHE A 376 15.45 4.91 10.63
C PHE A 376 14.63 6.20 10.97
N VAL A 377 13.58 5.96 11.72
CA VAL A 377 12.62 7.07 12.08
C VAL A 377 13.36 8.18 12.81
N GLU A 378 14.07 7.84 13.89
CA GLU A 378 14.64 8.88 14.69
CA GLU A 378 14.68 8.89 14.70
C GLU A 378 15.84 9.61 14.00
N GLN A 379 16.79 8.88 13.42
CA GLN A 379 17.87 9.66 12.79
C GLN A 379 17.41 10.49 11.61
N LEU A 380 16.38 9.98 10.92
CA LEU A 380 15.95 10.71 9.72
C LEU A 380 14.82 11.71 9.97
N LYS A 381 14.46 11.86 11.23
CA LYS A 381 13.59 12.98 11.65
C LYS A 381 12.16 12.75 11.11
N PHE A 382 11.76 11.50 11.02
CA PHE A 382 10.34 11.17 10.82
C PHE A 382 9.63 11.34 12.09
N GLY A 383 8.42 11.85 12.01
CA GLY A 383 7.51 11.74 13.17
C GLY A 383 6.26 10.94 12.93
N ALA A 384 5.72 10.35 13.99
CA ALA A 384 4.50 9.55 13.86
C ALA A 384 3.32 10.44 13.50
N GLY A 385 2.40 9.88 12.64
CA GLY A 385 1.19 10.56 12.23
C GLY A 385 -0.03 10.13 13.02
N ASP A 386 -1.23 10.40 12.49
CA ASP A 386 -2.44 10.08 13.20
C ASP A 386 -3.05 8.74 12.85
N GLY A 387 -3.55 8.04 13.83
CA GLY A 387 -4.19 6.72 13.62
C GLY A 387 -3.25 5.55 13.28
N HIS A 388 -3.81 4.55 12.62
CA HIS A 388 -3.06 3.32 12.40
C HIS A 388 -3.56 2.71 11.08
N LEU A 389 -2.67 2.04 10.36
CA LEU A 389 -3.01 1.24 9.17
C LEU A 389 -3.17 -0.20 9.64
N ARG A 390 -4.25 -0.85 9.27
CA ARG A 390 -4.55 -2.24 9.68
C ARG A 390 -4.44 -3.14 8.43
N TYR A 391 -3.84 -4.31 8.63
CA TYR A 391 -3.66 -5.31 7.60
C TYR A 391 -4.63 -6.47 7.81
N TYR A 392 -5.28 -6.90 6.78
CA TYR A 392 -6.30 -7.95 6.84
C TYR A 392 -6.13 -9.04 5.84
N PHE A 393 -6.62 -10.25 6.12
CA PHE A 393 -6.89 -11.27 5.11
C PHE A 393 -8.36 -11.62 4.98
N TYR A 394 -8.82 -12.01 3.82
CA TYR A 394 -10.10 -12.60 3.62
C TYR A 394 -9.92 -14.11 3.51
N ASN A 395 -10.62 -14.87 4.36
CA ASN A 395 -10.55 -16.36 4.29
C ASN A 395 -9.18 -16.90 4.59
N TRP A 396 -8.56 -16.36 5.58
CA TRP A 396 -7.29 -16.80 6.05
C TRP A 396 -7.07 -16.57 7.50
N ALA A 397 -7.02 -17.69 8.26
CA ALA A 397 -6.68 -17.63 9.61
C ALA A 397 -5.20 -17.29 9.78
N TYR A 398 -4.88 -16.36 10.65
CA TYR A 398 -3.52 -15.96 10.79
C TYR A 398 -3.19 -15.38 12.21
N PRO A 399 -2.12 -15.87 12.86
CA PRO A 399 -1.70 -15.35 14.17
C PRO A 399 -1.31 -13.89 14.07
N LYS A 400 -1.70 -13.11 15.05
CA LYS A 400 -1.30 -11.66 15.12
C LYS A 400 0.20 -11.57 14.92
N ILE A 401 0.66 -10.67 14.05
CA ILE A 401 2.09 -10.36 13.97
C ILE A 401 2.39 -8.86 14.13
N LYS A 402 3.64 -8.53 14.46
CA LYS A 402 4.14 -7.13 14.55
C LYS A 402 4.18 -6.57 13.11
N PRO A 403 4.02 -5.26 12.92
CA PRO A 403 4.09 -4.73 11.52
C PRO A 403 5.47 -4.83 10.91
N SER A 404 6.51 -4.87 11.80
CA SER A 404 7.87 -5.20 11.40
C SER A 404 8.03 -6.65 10.81
N GLN A 405 6.98 -7.45 10.75
CA GLN A 405 6.98 -8.75 10.07
C GLN A 405 6.21 -8.77 8.78
N VAL A 406 5.76 -7.54 8.38
CA VAL A 406 4.99 -7.36 7.18
C VAL A 406 5.87 -6.64 6.11
N ALA A 407 5.86 -7.23 4.91
CA ALA A 407 6.70 -6.65 3.80
C ALA A 407 5.84 -6.34 2.56
N LEU A 408 4.53 -6.34 2.62
CA LEU A 408 3.68 -5.95 1.50
C LEU A 408 3.33 -4.45 1.58
N VAL A 409 3.81 -3.67 0.58
CA VAL A 409 3.42 -2.24 0.45
C VAL A 409 2.16 -2.16 -0.31
N MET A 410 1.18 -1.40 0.23
CA MET A 410 -0.08 -1.30 -0.43
C MET A 410 -0.22 0.13 -0.97
N LEU A 411 -0.58 0.28 -2.26
CA LEU A 411 -0.39 1.61 -2.90
C LEU A 411 -1.61 2.46 -2.57
MG MG B . -23.43 2.87 0.53
CL1 A6K C . -4.14 7.04 4.77
C18 A6K C . -4.80 5.66 3.82
C17 A6K C . -4.90 5.81 2.43
C16 A6K C . -5.45 4.69 1.76
C19 A6K C . -5.08 4.48 4.49
C20 A6K C . -5.60 3.40 3.83
C15 A6K C . -5.80 3.51 2.46
C14 A6K C . -6.36 2.29 1.70
C A6K C . -5.40 1.06 1.69
N A6K C . -6.17 -0.05 1.04
C1 A6K C . -4.10 1.31 0.94
C2 A6K C . -3.05 1.75 1.97
O A6K C . -2.87 0.99 2.95
N1 A6K C . -2.26 2.83 1.89
C7 A6K C . -1.20 3.27 2.87
C6 A6K C . -0.46 4.41 2.12
C4 A6K C . -1.52 4.95 1.17
C5 A6K C . -0.84 5.57 -0.04
O1 A6K C . 0.06 4.73 -0.76
C3 A6K C . -2.22 3.70 0.70
C8 A6K C . 0.06 5.42 3.11
C13 A6K C . -0.80 6.33 3.76
C12 A6K C . -0.23 7.24 4.67
C11 A6K C . 1.12 7.15 4.87
CL A6K C . 1.81 8.36 5.99
C10 A6K C . 2.05 6.29 4.25
C9 A6K C . 1.45 5.38 3.37
S1 MYA D . -9.67 0.68 2.27
C2 MYA D . -10.13 2.25 1.52
C3 MYA D . -11.62 2.42 1.69
N4 MYA D . -12.10 3.66 0.97
C5 MYA D . -12.25 4.84 1.58
O5 MYA D . -12.14 4.93 2.81
C6 MYA D . -12.74 5.94 0.68
C7 MYA D . -13.85 6.79 1.34
N8 MYA D . -14.93 6.07 1.92
C9 MYA D . -15.81 5.40 1.16
O9 MYA D . -15.61 5.40 -0.08
C10 MYA D . -16.90 4.62 1.78
O10 MYA D . -17.12 5.13 3.10
C11 MYA D . -16.63 3.10 1.93
C12 MYA D . -17.74 2.44 2.70
C13 MYA D . -15.29 2.79 2.69
C14 MYA D . -16.63 2.50 0.53
N1A MYA D . -13.25 -1.95 4.12
O1A MYA D . -23.20 1.29 4.02
P1A MYA D . -21.84 1.01 3.39
C1X MYA D . -18.04 -1.84 6.02
C2A MYA D . -14.18 -2.86 4.28
O2A MYA D . -21.88 0.94 1.94
P2A MYA D . -20.19 3.41 3.06
C2M MYA D . -9.66 -0.44 0.93
O2M MYA D . -9.74 -0.03 -0.24
C2X MYA D . -18.69 -1.42 7.37
O2X MYA D . -17.95 -1.93 8.47
N3A MYA D . -15.41 -2.74 4.84
O3A MYA D . -20.78 2.17 3.88
C3M MYA D . -9.66 -1.96 1.21
C3X MYA D . -20.06 -1.95 7.13
O3X MYA D . -20.20 -3.39 7.36
P3X MYA D . -20.84 -3.94 8.75
C4A MYA D . -15.75 -1.47 5.16
O4A MYA D . -21.13 3.97 2.05
C4M MYA D . -11.09 -2.42 1.07
C4X MYA D . -20.31 -1.72 5.68
O4X MYA D . -18.99 -1.55 5.07
C5A MYA D . -14.84 -0.44 5.03
O5A MYA D . -19.51 4.29 4.12
C5M MYA D . -11.19 -3.91 1.57
C5X MYA D . -21.15 -0.45 5.43
O5X MYA D . -21.37 -0.30 4.05
C6A MYA D . -13.60 -0.67 4.46
N6A MYA D . -12.69 0.30 4.34
O6A MYA D . -19.03 2.70 2.15
C6M MYA D . -12.61 -4.40 1.26
N7A MYA D . -15.46 0.74 5.46
O7A MYA D . -20.70 -5.45 8.71
C7M MYA D . -12.85 -5.84 1.73
C8A MYA D . -16.68 0.35 5.92
O8A MYA D . -22.25 -3.41 8.67
C8M MYA D . -12.34 -6.84 0.62
N9A MYA D . -16.86 -1.01 5.73
O9A MYA D . -19.89 -3.31 9.77
C9M MYA D . -12.63 -8.31 1.14
CAM MYA D . -12.01 -9.32 0.12
CBM MYA D . -12.82 -9.44 -1.16
CCM MYA D . -12.22 -10.41 -2.24
CDM MYA D . -12.21 -11.83 -1.71
CEM MYA D . -11.55 -12.73 -2.84
CFM MYA D . -11.27 -14.13 -2.25
#